data_5J7G
#
_entry.id   5J7G
#
_cell.length_a   36.750
_cell.length_b   74.301
_cell.length_c   171.400
_cell.angle_alpha   90.000
_cell.angle_beta   90.000
_cell.angle_gamma   90.000
#
_symmetry.space_group_name_H-M   'P 2 21 21'
#
loop_
_entity.id
_entity.type
_entity.pdbx_description
1 polymer 'E3 ubiquitin-protein ligase Mdm2'
2 non-polymer '4-({6-[(6-chloro-3-{1-[(4-chlorophenyl)methyl]-4-(4-fluorophenyl)-1H-imidazol-5-yl}-1H-indole-2-carbonyl)oxy]hexyl}amino)-4-oxobutanoic acid'
3 water water
#
_entity_poly.entity_id   1
_entity_poly.type   'polypeptide(L)'
_entity_poly.pdbx_seq_one_letter_code
;MQIPASEQETLVRPKPLLLKLLKSVGAQKDTYTMKEVLFYLGQYIMTKRLYDEKQQHIVYCSNDLLGDLFGVPSFSVKEH
RKIYTMIYRNLVVVNQQESSDSGTSVSEN
;
_entity_poly.pdbx_strand_id   A,B,C,D
#
# COMPACT_ATOMS: atom_id res chain seq x y z
N MET A 1 -8.26 -15.27 -28.07
CA MET A 1 -9.52 -14.49 -27.90
C MET A 1 -10.70 -15.46 -27.76
N GLN A 2 -11.52 -15.24 -26.75
CA GLN A 2 -12.73 -16.00 -26.56
C GLN A 2 -13.85 -15.24 -27.28
N ILE A 3 -13.59 -13.94 -27.48
CA ILE A 3 -14.48 -13.01 -28.19
C ILE A 3 -13.76 -12.57 -29.49
N PRO A 4 -14.30 -12.98 -30.64
CA PRO A 4 -13.65 -12.54 -31.85
C PRO A 4 -13.61 -11.02 -31.92
N ALA A 5 -12.56 -10.54 -32.60
CA ALA A 5 -12.30 -9.12 -32.75
C ALA A 5 -13.50 -8.39 -33.31
N SER A 6 -14.12 -8.90 -34.34
CA SER A 6 -15.27 -8.18 -34.87
C SER A 6 -16.49 -8.10 -33.93
N GLU A 7 -16.68 -9.07 -33.04
CA GLU A 7 -17.80 -8.99 -32.10
C GLU A 7 -17.59 -7.83 -31.16
N GLN A 8 -16.32 -7.51 -30.92
CA GLN A 8 -16.03 -6.35 -30.11
C GLN A 8 -16.44 -5.04 -30.71
N GLU A 9 -16.40 -4.92 -32.05
CA GLU A 9 -16.86 -3.70 -32.72
C GLU A 9 -18.41 -3.61 -32.89
N THR A 10 -19.17 -4.63 -32.48
CA THR A 10 -20.64 -4.62 -32.64
C THR A 10 -21.23 -3.34 -32.10
N LEU A 11 -22.07 -2.67 -32.87
CA LEU A 11 -22.70 -1.42 -32.45
C LEU A 11 -23.91 -1.74 -31.63
N VAL A 12 -24.01 -1.11 -30.45
CA VAL A 12 -25.08 -1.44 -29.54
C VAL A 12 -25.70 -0.18 -28.90
N ARG A 13 -26.96 -0.34 -28.47
CA ARG A 13 -27.68 0.72 -27.82
C ARG A 13 -28.09 0.28 -26.44
N PRO A 14 -27.36 0.76 -25.41
CA PRO A 14 -27.72 0.38 -24.02
C PRO A 14 -29.16 0.73 -23.65
N LYS A 15 -29.83 -0.20 -23.00
CA LYS A 15 -31.08 0.06 -22.33
C LYS A 15 -30.92 1.12 -21.21
N PRO A 16 -32.02 1.72 -20.75
CA PRO A 16 -31.92 2.84 -19.78
C PRO A 16 -31.03 2.56 -18.57
N LEU A 17 -31.14 1.41 -17.94
CA LEU A 17 -30.38 1.19 -16.69
C LEU A 17 -28.88 1.10 -16.95
N LEU A 18 -28.51 0.35 -18.00
CA LEU A 18 -27.12 0.21 -18.34
C LEU A 18 -26.60 1.56 -18.81
N LEU A 19 -27.44 2.34 -19.45
CA LEU A 19 -26.98 3.64 -19.92
C LEU A 19 -26.77 4.62 -18.75
N LYS A 20 -27.66 4.57 -17.74
CA LYS A 20 -27.46 5.35 -16.47
C LYS A 20 -26.08 5.00 -15.91
N LEU A 21 -25.80 3.69 -15.83
CA LEU A 21 -24.56 3.24 -15.24
C LEU A 21 -23.38 3.77 -16.06
N LEU A 22 -23.41 3.63 -17.39
CA LEU A 22 -22.29 4.11 -18.21
C LEU A 22 -22.10 5.60 -18.07
N LYS A 23 -23.22 6.33 -18.03
CA LYS A 23 -23.16 7.78 -17.85
C LYS A 23 -22.57 8.21 -16.52
N SER A 24 -22.75 7.40 -15.48
CA SER A 24 -22.20 7.65 -14.17
C SER A 24 -20.66 7.56 -14.13
N VAL A 25 -20.02 7.01 -15.16
CA VAL A 25 -18.58 7.05 -15.19
C VAL A 25 -18.17 7.81 -16.44
N GLY A 26 -19.00 8.74 -16.87
CA GLY A 26 -18.61 9.70 -17.88
C GLY A 26 -19.10 9.47 -19.28
N ALA A 27 -19.89 8.42 -19.53
CA ALA A 27 -20.27 8.16 -20.93
C ALA A 27 -21.18 9.29 -21.47
N GLN A 28 -20.78 9.82 -22.61
CA GLN A 28 -21.44 10.92 -23.29
C GLN A 28 -22.54 10.47 -24.29
N LYS A 29 -22.29 9.39 -25.05
CA LYS A 29 -23.14 8.96 -26.18
C LYS A 29 -24.38 8.14 -25.74
N ASP A 30 -25.22 7.79 -26.71
CA ASP A 30 -26.33 6.84 -26.48
C ASP A 30 -26.12 5.48 -27.24
N THR A 31 -25.22 5.44 -28.23
CA THR A 31 -24.78 4.15 -28.85
C THR A 31 -23.26 4.00 -28.85
N TYR A 32 -22.80 2.74 -28.82
CA TYR A 32 -21.42 2.36 -28.52
C TYR A 32 -21.04 1.08 -29.24
N THR A 33 -19.75 0.85 -29.40
CA THR A 33 -19.29 -0.52 -29.67
C THR A 33 -19.30 -1.30 -28.32
N MET A 34 -19.36 -2.61 -28.41
CA MET A 34 -19.21 -3.46 -27.27
C MET A 34 -17.88 -3.20 -26.55
N LYS A 35 -16.82 -2.91 -27.30
CA LYS A 35 -15.54 -2.55 -26.67
C LYS A 35 -15.65 -1.34 -25.74
N GLU A 36 -16.32 -0.29 -26.20
CA GLU A 36 -16.55 0.88 -25.40
C GLU A 36 -17.44 0.56 -24.22
N VAL A 37 -18.41 -0.32 -24.36
CA VAL A 37 -19.29 -0.58 -23.23
C VAL A 37 -18.42 -1.29 -22.12
N LEU A 38 -17.60 -2.26 -22.52
CA LEU A 38 -16.75 -2.94 -21.63
C LEU A 38 -15.78 -2.01 -20.96
N PHE A 39 -15.15 -1.14 -21.73
CA PHE A 39 -14.31 -0.19 -21.08
C PHE A 39 -14.99 0.57 -19.90
N TYR A 40 -16.20 1.08 -20.13
CA TYR A 40 -16.88 1.90 -19.15
C TYR A 40 -17.30 1.02 -17.98
N LEU A 41 -17.67 -0.21 -18.28
CA LEU A 41 -18.00 -1.11 -17.18
C LEU A 41 -16.77 -1.41 -16.33
N GLY A 42 -15.60 -1.55 -16.96
CA GLY A 42 -14.34 -1.75 -16.29
C GLY A 42 -14.05 -0.61 -15.35
N GLN A 43 -14.34 0.61 -15.78
CA GLN A 43 -14.09 1.73 -14.94
C GLN A 43 -15.08 1.78 -13.84
N TYR A 44 -16.31 1.42 -14.13
CA TYR A 44 -17.30 1.36 -13.05
C TYR A 44 -16.85 0.40 -11.98
N ILE A 45 -16.43 -0.78 -12.38
CA ILE A 45 -16.07 -1.79 -11.43
C ILE A 45 -14.86 -1.33 -10.64
N MET A 46 -13.91 -0.68 -11.30
CA MET A 46 -12.74 -0.26 -10.56
C MET A 46 -13.04 0.89 -9.61
N THR A 47 -13.78 1.89 -10.06
CA THR A 47 -14.11 3.02 -9.18
C THR A 47 -14.95 2.69 -7.95
N LYS A 48 -15.93 1.85 -8.13
CA LYS A 48 -16.68 1.33 -7.02
C LYS A 48 -15.99 0.19 -6.28
N ARG A 49 -14.81 -0.23 -6.73
CA ARG A 49 -14.06 -1.26 -6.08
C ARG A 49 -14.90 -2.50 -5.88
N LEU A 50 -15.49 -3.00 -6.94
CA LEU A 50 -16.32 -4.17 -6.81
C LEU A 50 -15.44 -5.41 -6.93
N TYR A 51 -14.23 -5.25 -7.40
CA TYR A 51 -13.31 -6.40 -7.45
C TYR A 51 -12.93 -6.81 -6.01
N ASP A 52 -12.65 -8.10 -5.86
CA ASP A 52 -12.11 -8.58 -4.59
C ASP A 52 -10.62 -8.20 -4.37
N GLU A 53 -10.34 -7.49 -3.29
CA GLU A 53 -8.95 -7.12 -2.89
C GLU A 53 -7.99 -8.32 -2.88
N LYS A 54 -8.43 -9.45 -2.38
CA LYS A 54 -7.64 -10.69 -2.36
C LYS A 54 -7.55 -11.39 -3.75
N GLN A 55 -8.68 -11.49 -4.44
CA GLN A 55 -8.78 -12.17 -5.71
C GLN A 55 -9.31 -11.16 -6.77
N GLN A 56 -8.39 -10.38 -7.35
CA GLN A 56 -8.72 -9.15 -8.08
C GLN A 56 -9.41 -9.40 -9.42
N HIS A 57 -9.35 -10.64 -9.86
CA HIS A 57 -10.10 -11.06 -11.01
C HIS A 57 -11.58 -11.40 -10.71
N ILE A 58 -11.97 -11.46 -9.44
CA ILE A 58 -13.38 -11.72 -9.13
C ILE A 58 -14.09 -10.40 -8.87
N VAL A 59 -15.24 -10.22 -9.48
CA VAL A 59 -16.05 -9.06 -9.21
C VAL A 59 -17.23 -9.47 -8.40
N TYR A 60 -17.47 -8.75 -7.29
CA TYR A 60 -18.67 -8.90 -6.47
C TYR A 60 -19.65 -7.79 -6.84
N CYS A 61 -20.66 -8.14 -7.63
CA CYS A 61 -21.60 -7.13 -8.09
C CYS A 61 -22.94 -7.31 -7.36
N SER A 62 -23.06 -8.30 -6.48
CA SER A 62 -24.24 -8.45 -5.66
C SER A 62 -24.62 -7.15 -4.99
N ASN A 63 -25.91 -6.88 -5.00
CA ASN A 63 -26.47 -5.77 -4.25
C ASN A 63 -26.06 -4.38 -4.82
N ASP A 64 -25.65 -4.35 -6.09
CA ASP A 64 -25.28 -3.13 -6.77
C ASP A 64 -26.00 -3.12 -8.07
N LEU A 65 -26.28 -1.94 -8.61
CA LEU A 65 -26.88 -1.82 -9.95
C LEU A 65 -26.26 -2.87 -10.91
N LEU A 66 -24.94 -3.05 -10.89
CA LEU A 66 -24.33 -3.99 -11.82
C LEU A 66 -24.88 -5.38 -11.66
N GLY A 67 -25.11 -5.77 -10.41
CA GLY A 67 -25.49 -7.13 -10.18
C GLY A 67 -26.93 -7.33 -10.61
N ASP A 68 -27.70 -6.25 -10.52
CA ASP A 68 -29.08 -6.25 -10.94
C ASP A 68 -29.13 -6.35 -12.46
N LEU A 69 -28.22 -5.68 -13.16
CA LEU A 69 -28.14 -5.83 -14.63
C LEU A 69 -27.66 -7.19 -15.06
N PHE A 70 -26.68 -7.73 -14.34
CA PHE A 70 -26.01 -8.97 -14.76
C PHE A 70 -26.70 -10.25 -14.30
N GLY A 71 -27.48 -10.16 -13.22
CA GLY A 71 -28.24 -11.30 -12.69
C GLY A 71 -27.41 -12.33 -11.96
N VAL A 72 -26.20 -11.94 -11.51
CA VAL A 72 -25.35 -12.83 -10.73
C VAL A 72 -24.73 -12.05 -9.57
N PRO A 73 -24.33 -12.76 -8.52
CA PRO A 73 -23.80 -12.02 -7.39
C PRO A 73 -22.33 -11.76 -7.61
N SER A 74 -21.67 -12.61 -8.38
CA SER A 74 -20.28 -12.36 -8.69
C SER A 74 -19.91 -12.99 -9.99
N PHE A 75 -18.76 -12.66 -10.53
CA PHE A 75 -18.31 -13.37 -11.72
C PHE A 75 -16.84 -13.13 -11.85
N SER A 76 -16.19 -13.96 -12.64
CA SER A 76 -14.78 -13.76 -12.86
C SER A 76 -14.55 -12.97 -14.13
N VAL A 77 -13.53 -12.14 -14.19
CA VAL A 77 -13.34 -11.33 -15.36
C VAL A 77 -12.68 -12.09 -16.47
N LYS A 78 -12.20 -13.29 -16.18
CA LYS A 78 -11.73 -14.16 -17.26
C LYS A 78 -12.84 -14.88 -18.03
N GLU A 79 -14.11 -14.77 -17.61
CA GLU A 79 -15.22 -15.50 -18.24
C GLU A 79 -15.83 -14.55 -19.31
N HIS A 80 -15.13 -14.33 -20.43
CA HIS A 80 -15.54 -13.29 -21.38
C HIS A 80 -16.90 -13.48 -22.05
N ARG A 81 -17.19 -14.71 -22.46
CA ARG A 81 -18.42 -15.00 -23.13
C ARG A 81 -19.58 -14.83 -22.16
N LYS A 82 -19.41 -15.25 -20.89
CA LYS A 82 -20.48 -15.01 -19.90
C LYS A 82 -20.72 -13.56 -19.80
N ILE A 83 -19.64 -12.78 -19.81
CA ILE A 83 -19.77 -11.40 -19.59
C ILE A 83 -20.48 -10.75 -20.77
N TYR A 84 -20.04 -11.06 -22.00
CA TYR A 84 -20.72 -10.48 -23.11
C TYR A 84 -22.23 -10.86 -23.07
N THR A 85 -22.52 -12.09 -22.70
CA THR A 85 -23.95 -12.51 -22.61
C THR A 85 -24.71 -11.67 -21.64
N MET A 86 -24.07 -11.29 -20.52
CA MET A 86 -24.80 -10.61 -19.48
C MET A 86 -25.08 -9.17 -19.91
N ILE A 87 -24.14 -8.60 -20.60
CA ILE A 87 -24.27 -7.32 -21.14
C ILE A 87 -25.33 -7.27 -22.27
N TYR A 88 -25.35 -8.29 -23.12
CA TYR A 88 -26.15 -8.22 -24.34
C TYR A 88 -27.62 -8.14 -23.94
N ARG A 89 -27.93 -8.73 -22.78
CA ARG A 89 -29.32 -8.75 -22.31
C ARG A 89 -29.77 -7.35 -21.95
N ASN A 90 -28.83 -6.41 -21.89
CA ASN A 90 -29.10 -5.06 -21.36
C ASN A 90 -28.91 -4.02 -22.45
N LEU A 91 -29.04 -4.48 -23.67
CA LEU A 91 -28.98 -3.58 -24.77
C LEU A 91 -29.70 -4.15 -26.04
N VAL A 92 -29.78 -3.33 -27.06
CA VAL A 92 -30.26 -3.71 -28.34
C VAL A 92 -29.14 -3.49 -29.32
N VAL A 93 -28.90 -4.48 -30.17
CA VAL A 93 -27.98 -4.30 -31.27
C VAL A 93 -28.59 -3.41 -32.34
N VAL A 94 -27.80 -2.47 -32.84
CA VAL A 94 -28.23 -1.54 -33.88
C VAL A 94 -28.47 -2.27 -35.23
N MET B 1 0.80 -11.30 -1.06
CA MET B 1 1.61 -12.19 -1.99
C MET B 1 3.00 -11.56 -2.33
N GLN B 2 3.07 -10.75 -3.38
CA GLN B 2 4.35 -10.14 -3.78
C GLN B 2 4.85 -9.11 -2.77
N ILE B 3 3.91 -8.32 -2.24
CA ILE B 3 4.22 -7.28 -1.27
C ILE B 3 3.58 -7.66 0.04
N PRO B 4 4.36 -7.68 1.13
CA PRO B 4 3.74 -7.94 2.46
C PRO B 4 2.57 -7.00 2.77
N ALA B 5 1.58 -7.52 3.47
CA ALA B 5 0.35 -6.78 3.83
C ALA B 5 0.63 -5.49 4.63
N SER B 6 1.53 -5.58 5.59
CA SER B 6 1.88 -4.40 6.40
C SER B 6 2.57 -3.32 5.54
N GLU B 7 3.30 -3.71 4.51
CA GLU B 7 3.87 -2.67 3.62
C GLU B 7 2.77 -1.96 2.81
N GLN B 8 1.75 -2.71 2.40
CA GLN B 8 0.67 -2.11 1.64
C GLN B 8 -0.08 -1.09 2.48
N GLU B 9 -0.08 -1.27 3.79
CA GLU B 9 -0.70 -0.32 4.68
C GLU B 9 0.26 0.82 5.13
N THR B 10 1.53 0.78 4.73
CA THR B 10 2.48 1.84 5.03
C THR B 10 1.83 3.16 4.62
N LEU B 11 1.76 4.14 5.52
CA LEU B 11 1.19 5.45 5.25
C LEU B 11 2.23 6.32 4.54
N VAL B 12 1.83 7.03 3.47
CA VAL B 12 2.75 7.85 2.74
C VAL B 12 2.16 9.21 2.32
N ARG B 13 3.03 10.14 1.99
CA ARG B 13 2.65 11.48 1.63
C ARG B 13 3.23 11.74 0.25
N PRO B 14 2.38 11.71 -0.77
CA PRO B 14 2.85 11.94 -2.13
C PRO B 14 3.44 13.32 -2.36
N LYS B 15 4.51 13.35 -3.10
CA LYS B 15 5.12 14.57 -3.59
C LYS B 15 4.02 15.37 -4.40
N PRO B 16 4.11 16.70 -4.49
CA PRO B 16 3.03 17.44 -5.21
C PRO B 16 2.62 16.87 -6.61
N LEU B 17 3.55 16.55 -7.50
CA LEU B 17 3.20 16.02 -8.82
C LEU B 17 2.42 14.73 -8.75
N LEU B 18 2.84 13.85 -7.87
CA LEU B 18 2.12 12.64 -7.72
C LEU B 18 0.78 12.91 -7.14
N LEU B 19 0.73 13.84 -6.21
CA LEU B 19 -0.54 14.20 -5.61
C LEU B 19 -1.50 14.72 -6.69
N LYS B 20 -1.00 15.53 -7.60
CA LYS B 20 -1.79 16.08 -8.73
C LYS B 20 -2.48 14.99 -9.50
N LEU B 21 -1.70 13.95 -9.73
CA LEU B 21 -2.15 12.91 -10.55
C LEU B 21 -3.22 12.14 -9.79
N LEU B 22 -3.04 11.94 -8.49
CA LEU B 22 -4.11 11.27 -7.71
C LEU B 22 -5.35 12.16 -7.61
N LYS B 23 -5.18 13.46 -7.47
CA LYS B 23 -6.36 14.34 -7.40
C LYS B 23 -7.10 14.42 -8.77
N SER B 24 -6.41 14.23 -9.89
CA SER B 24 -7.07 14.11 -11.18
C SER B 24 -8.07 12.95 -11.28
N VAL B 25 -8.02 11.97 -10.38
CA VAL B 25 -8.97 10.87 -10.39
C VAL B 25 -9.74 10.82 -9.10
N GLY B 26 -9.94 11.97 -8.47
CA GLY B 26 -10.88 12.09 -7.37
C GLY B 26 -10.30 11.87 -6.00
N ALA B 27 -8.99 11.74 -5.86
CA ALA B 27 -8.43 11.56 -4.53
C ALA B 27 -8.45 12.92 -3.83
N GLN B 28 -8.81 12.95 -2.56
CA GLN B 28 -8.91 14.24 -1.83
C GLN B 28 -7.69 14.49 -0.88
N LYS B 29 -7.39 13.52 -0.02
CA LYS B 29 -6.40 13.64 1.07
C LYS B 29 -4.92 14.04 0.69
N ASP B 30 -4.11 14.24 1.72
CA ASP B 30 -2.66 14.60 1.64
C ASP B 30 -1.79 13.36 1.85
N THR B 31 -2.33 12.37 2.57
CA THR B 31 -1.65 11.10 2.87
C THR B 31 -2.53 9.91 2.53
N TYR B 32 -1.94 8.77 2.15
CA TYR B 32 -2.69 7.57 1.80
C TYR B 32 -1.88 6.42 2.22
N THR B 33 -2.51 5.27 2.35
CA THR B 33 -1.74 4.05 2.36
C THR B 33 -1.18 3.77 0.95
N MET B 34 -0.16 2.97 0.86
CA MET B 34 0.38 2.59 -0.42
C MET B 34 -0.69 1.90 -1.26
N LYS B 35 -1.53 1.12 -0.61
CA LYS B 35 -2.71 0.44 -1.28
C LYS B 35 -3.62 1.47 -1.95
N GLU B 36 -3.92 2.56 -1.25
CA GLU B 36 -4.80 3.57 -1.75
C GLU B 36 -4.08 4.31 -2.87
N VAL B 37 -2.80 4.58 -2.72
CA VAL B 37 -2.09 5.26 -3.79
C VAL B 37 -2.20 4.38 -5.05
N LEU B 38 -1.96 3.08 -4.88
CA LEU B 38 -2.09 2.13 -5.98
C LEU B 38 -3.49 2.07 -6.60
N PHE B 39 -4.54 2.09 -5.80
CA PHE B 39 -5.86 2.19 -6.35
C PHE B 39 -6.01 3.38 -7.31
N TYR B 40 -5.62 4.58 -6.85
CA TYR B 40 -5.82 5.79 -7.64
C TYR B 40 -4.95 5.74 -8.87
N LEU B 41 -3.75 5.22 -8.74
CA LEU B 41 -2.92 5.07 -9.91
C LEU B 41 -3.52 4.08 -10.93
N GLY B 42 -4.16 3.03 -10.47
CA GLY B 42 -4.87 2.13 -11.35
C GLY B 42 -6.01 2.76 -12.11
N GLN B 43 -6.76 3.60 -11.42
CA GLN B 43 -7.82 4.32 -12.02
C GLN B 43 -7.29 5.23 -13.09
N TYR B 44 -6.16 5.86 -12.80
CA TYR B 44 -5.57 6.79 -13.72
C TYR B 44 -5.11 6.10 -15.01
N ILE B 45 -4.41 4.99 -14.80
CA ILE B 45 -3.96 4.22 -15.87
C ILE B 45 -5.08 3.78 -16.74
N MET B 46 -6.15 3.33 -16.12
CA MET B 46 -7.26 2.91 -16.87
C MET B 46 -8.04 4.01 -17.56
N THR B 47 -8.39 5.07 -16.85
CA THR B 47 -9.08 6.17 -17.42
C THR B 47 -8.31 6.81 -18.60
N LYS B 48 -6.99 6.94 -18.51
CA LYS B 48 -6.20 7.47 -19.59
C LYS B 48 -5.79 6.43 -20.60
N ARG B 49 -6.24 5.20 -20.41
CA ARG B 49 -5.92 4.11 -21.33
C ARG B 49 -4.40 3.97 -21.60
N LEU B 50 -3.62 3.96 -20.54
CA LEU B 50 -2.20 3.80 -20.69
C LEU B 50 -1.79 2.38 -20.90
N TYR B 51 -2.64 1.42 -20.53
CA TYR B 51 -2.31 0.02 -20.82
C TYR B 51 -2.37 -0.28 -22.32
N ASP B 52 -1.61 -1.26 -22.75
CA ASP B 52 -1.61 -1.73 -24.14
C ASP B 52 -2.89 -2.44 -24.39
N GLU B 53 -3.63 -2.04 -25.42
CA GLU B 53 -4.91 -2.66 -25.70
C GLU B 53 -4.80 -4.16 -25.90
N LYS B 54 -3.74 -4.62 -26.56
CA LYS B 54 -3.57 -6.09 -26.76
C LYS B 54 -2.96 -6.79 -25.54
N GLN B 55 -1.94 -6.18 -24.93
CA GLN B 55 -1.19 -6.77 -23.80
C GLN B 55 -1.47 -5.88 -22.58
N GLN B 56 -2.55 -6.18 -21.87
CA GLN B 56 -3.16 -5.20 -20.95
C GLN B 56 -2.44 -5.07 -19.62
N HIS B 57 -1.46 -5.91 -19.40
CA HIS B 57 -0.63 -5.84 -18.24
C HIS B 57 0.58 -4.97 -18.47
N ILE B 58 0.77 -4.46 -19.68
CA ILE B 58 1.84 -3.56 -19.98
C ILE B 58 1.27 -2.17 -20.01
N VAL B 59 1.89 -1.27 -19.25
CA VAL B 59 1.48 0.15 -19.22
C VAL B 59 2.57 0.94 -19.93
N TYR B 60 2.13 1.74 -20.89
CA TYR B 60 2.98 2.65 -21.59
C TYR B 60 2.76 4.01 -21.03
N CYS B 61 3.76 4.49 -20.35
CA CYS B 61 3.62 5.73 -19.61
C CYS B 61 4.57 6.78 -20.15
N SER B 62 5.26 6.46 -21.25
CA SER B 62 5.96 7.48 -21.99
C SER B 62 5.00 8.66 -22.25
N ASN B 63 5.53 9.88 -22.27
CA ASN B 63 4.80 11.08 -22.70
C ASN B 63 3.54 11.37 -21.87
N ASP B 64 3.53 10.83 -20.65
CA ASP B 64 2.49 11.06 -19.69
C ASP B 64 3.10 11.43 -18.33
N LEU B 65 2.39 12.21 -17.53
CA LEU B 65 2.91 12.55 -16.19
C LEU B 65 3.40 11.29 -15.44
N LEU B 66 2.71 10.21 -15.57
CA LEU B 66 3.13 8.99 -14.89
C LEU B 66 4.52 8.59 -15.27
N GLY B 67 4.84 8.76 -16.54
CA GLY B 67 6.15 8.31 -17.04
C GLY B 67 7.21 9.23 -16.49
N ASP B 68 6.90 10.52 -16.41
CA ASP B 68 7.80 11.49 -15.70
C ASP B 68 8.07 11.04 -14.26
N LEU B 69 7.03 10.67 -13.56
CA LEU B 69 7.18 10.25 -12.16
C LEU B 69 7.97 8.96 -11.95
N PHE B 70 7.68 7.95 -12.79
CA PHE B 70 8.29 6.63 -12.69
C PHE B 70 9.61 6.50 -13.36
N GLY B 71 9.87 7.38 -14.31
CA GLY B 71 11.14 7.41 -15.03
C GLY B 71 11.40 6.26 -16.00
N VAL B 72 10.36 5.59 -16.46
CA VAL B 72 10.47 4.55 -17.48
C VAL B 72 9.41 4.79 -18.58
N PRO B 73 9.64 4.26 -19.79
CA PRO B 73 8.64 4.41 -20.89
C PRO B 73 7.47 3.44 -20.67
N SER B 74 7.75 2.31 -20.06
CA SER B 74 6.73 1.29 -19.83
C SER B 74 7.09 0.44 -18.63
N PHE B 75 6.12 -0.31 -18.15
CA PHE B 75 6.39 -1.28 -17.14
C PHE B 75 5.28 -2.30 -17.15
N SER B 76 5.54 -3.44 -16.50
CA SER B 76 4.53 -4.44 -16.35
C SER B 76 3.88 -4.39 -14.99
N VAL B 77 2.55 -4.53 -14.96
CA VAL B 77 1.78 -4.45 -13.73
C VAL B 77 1.96 -5.70 -12.88
N LYS B 78 2.59 -6.73 -13.44
CA LYS B 78 2.91 -7.95 -12.73
C LYS B 78 4.09 -7.83 -11.79
N GLU B 79 4.91 -6.80 -11.94
CA GLU B 79 6.10 -6.63 -11.14
C GLU B 79 5.85 -5.66 -10.01
N HIS B 80 5.31 -6.17 -8.91
CA HIS B 80 4.78 -5.29 -7.88
C HIS B 80 5.90 -4.54 -7.15
N ARG B 81 7.02 -5.20 -6.90
CA ARG B 81 8.12 -4.57 -6.17
C ARG B 81 8.67 -3.40 -6.95
N LYS B 82 8.83 -3.56 -8.27
CA LYS B 82 9.34 -2.48 -9.09
C LYS B 82 8.46 -1.26 -8.99
N ILE B 83 7.15 -1.46 -8.94
CA ILE B 83 6.16 -0.41 -8.89
C ILE B 83 6.18 0.25 -7.50
N TYR B 84 6.24 -0.53 -6.42
CA TYR B 84 6.37 0.07 -5.12
C TYR B 84 7.64 0.94 -5.08
N THR B 85 8.69 0.43 -5.59
CA THR B 85 9.93 1.19 -5.59
C THR B 85 9.77 2.50 -6.33
N MET B 86 9.14 2.44 -7.50
CA MET B 86 8.94 3.66 -8.27
C MET B 86 8.11 4.67 -7.51
N ILE B 87 7.11 4.20 -6.78
CA ILE B 87 6.30 5.12 -5.98
C ILE B 87 7.05 5.71 -4.82
N TYR B 88 7.88 4.89 -4.18
CA TYR B 88 8.67 5.32 -3.02
C TYR B 88 9.58 6.45 -3.34
N ARG B 89 9.94 6.61 -4.60
CA ARG B 89 10.80 7.71 -5.01
C ARG B 89 10.03 8.99 -5.24
N ASN B 90 8.74 8.97 -5.03
CA ASN B 90 7.87 10.13 -5.30
C ASN B 90 7.08 10.63 -4.09
N LEU B 91 7.74 10.49 -2.94
CA LEU B 91 7.17 10.88 -1.67
C LEU B 91 7.89 12.04 -0.99
N VAL B 92 7.25 12.57 0.02
CA VAL B 92 7.84 13.53 0.90
C VAL B 92 7.51 13.11 2.30
N VAL B 93 8.17 13.79 3.22
CA VAL B 93 7.98 13.66 4.65
C VAL B 93 7.01 14.73 5.16
N VAL B 94 6.27 14.32 6.19
CA VAL B 94 5.29 15.16 6.90
C VAL B 94 5.62 16.69 7.03
N ASN B 95 6.83 17.10 7.46
CA ASN B 95 7.07 18.59 7.65
C ASN B 95 8.21 19.21 6.80
N GLN B 96 8.61 18.55 5.72
CA GLN B 96 9.84 18.88 4.93
C GLN B 96 9.93 20.35 4.44
N GLN B 97 11.13 20.96 4.45
CA GLN B 97 11.42 22.24 3.72
C GLN B 97 12.09 21.96 2.35
N GLU B 98 12.27 22.97 1.49
CA GLU B 98 12.98 22.80 0.18
C GLU B 98 14.47 23.15 0.30
N MET C 1 14.84 -6.79 6.99
CA MET C 1 15.25 -5.52 6.31
C MET C 1 14.01 -4.57 6.27
N GLN C 2 14.16 -3.37 6.78
CA GLN C 2 13.13 -2.38 6.60
C GLN C 2 13.07 -1.94 5.12
N ILE C 3 14.20 -2.02 4.40
CA ILE C 3 14.25 -1.64 2.97
C ILE C 3 14.60 -2.87 2.13
N PRO C 4 13.77 -3.17 1.15
CA PRO C 4 14.08 -4.32 0.30
C PRO C 4 15.41 -4.23 -0.43
N ALA C 5 16.06 -5.38 -0.56
CA ALA C 5 17.39 -5.47 -1.13
C ALA C 5 17.44 -4.84 -2.53
N SER C 6 16.42 -5.10 -3.36
CA SER C 6 16.43 -4.56 -4.76
C SER C 6 16.44 -3.05 -4.73
N GLU C 7 15.79 -2.49 -3.74
CA GLU C 7 15.72 -1.02 -3.64
C GLU C 7 17.09 -0.46 -3.15
N GLN C 8 17.66 -1.12 -2.15
CA GLN C 8 19.00 -0.74 -1.68
C GLN C 8 20.04 -0.86 -2.77
N GLU C 9 19.82 -1.77 -3.75
CA GLU C 9 20.77 -1.96 -4.83
C GLU C 9 20.51 -1.02 -6.01
N THR C 10 19.48 -0.18 -5.94
CA THR C 10 19.20 0.78 -7.02
C THR C 10 20.43 1.59 -7.25
N LEU C 11 20.81 1.73 -8.52
CA LEU C 11 21.90 2.65 -8.89
C LEU C 11 21.35 4.06 -9.06
N VAL C 12 22.02 5.05 -8.47
CA VAL C 12 21.54 6.43 -8.43
C VAL C 12 22.66 7.40 -8.76
N ARG C 13 22.30 8.61 -9.21
CA ARG C 13 23.28 9.66 -9.48
C ARG C 13 22.89 10.87 -8.62
N PRO C 14 23.69 11.15 -7.62
CA PRO C 14 23.30 12.25 -6.70
C PRO C 14 23.27 13.60 -7.36
N LYS C 15 22.35 14.47 -6.93
CA LYS C 15 22.33 15.85 -7.38
C LYS C 15 23.54 16.61 -6.85
N PRO C 16 23.87 17.78 -7.43
CA PRO C 16 25.17 18.40 -7.03
C PRO C 16 25.37 18.63 -5.48
N LEU C 17 24.29 18.93 -4.76
CA LEU C 17 24.44 19.13 -3.29
C LEU C 17 24.79 17.85 -2.58
N LEU C 18 23.99 16.82 -2.78
CA LEU C 18 24.36 15.55 -2.23
C LEU C 18 25.72 15.06 -2.68
N LEU C 19 26.06 15.17 -3.97
CA LEU C 19 27.37 14.72 -4.43
C LEU C 19 28.50 15.39 -3.65
N LYS C 20 28.39 16.71 -3.46
CA LYS C 20 29.42 17.50 -2.72
C LYS C 20 29.55 16.94 -1.31
N LEU C 21 28.43 16.65 -0.70
CA LEU C 21 28.48 16.02 0.61
C LEU C 21 29.22 14.70 0.55
N LEU C 22 28.89 13.81 -0.38
CA LEU C 22 29.54 12.47 -0.40
C LEU C 22 31.05 12.58 -0.68
N LYS C 23 31.39 13.54 -1.50
CA LYS C 23 32.80 13.81 -1.80
C LYS C 23 33.55 14.33 -0.58
N SER C 24 32.94 15.15 0.28
CA SER C 24 33.61 15.60 1.51
C SER C 24 34.02 14.44 2.42
N VAL C 25 33.37 13.29 2.35
CA VAL C 25 33.80 12.11 3.14
C VAL C 25 34.45 11.06 2.25
N GLY C 26 35.08 11.50 1.19
CA GLY C 26 35.90 10.60 0.46
C GLY C 26 35.27 9.84 -0.65
N ALA C 27 33.96 9.89 -0.86
CA ALA C 27 33.42 9.18 -2.02
C ALA C 27 34.11 9.74 -3.29
N GLN C 28 34.52 8.87 -4.22
CA GLN C 28 35.25 9.29 -5.45
C GLN C 28 34.52 8.86 -6.72
N LYS C 29 33.21 9.03 -6.77
CA LYS C 29 32.37 8.47 -7.85
C LYS C 29 31.15 9.33 -8.16
N ASP C 30 30.57 9.07 -9.33
CA ASP C 30 29.43 9.80 -9.91
C ASP C 30 28.11 9.09 -9.52
N THR C 31 28.17 7.76 -9.45
CA THR C 31 27.01 6.94 -9.30
C THR C 31 27.30 5.85 -8.25
N TYR C 32 26.24 5.47 -7.56
CA TYR C 32 26.33 4.65 -6.38
C TYR C 32 25.06 3.85 -6.28
N THR C 33 25.13 2.73 -5.61
CA THR C 33 23.90 2.13 -5.12
C THR C 33 23.36 2.96 -3.96
N MET C 34 22.06 2.87 -3.69
CA MET C 34 21.46 3.48 -2.52
C MET C 34 22.20 3.03 -1.24
N LYS C 35 22.56 1.77 -1.14
CA LYS C 35 23.29 1.18 0.03
C LYS C 35 24.54 2.03 0.33
N GLU C 36 25.31 2.31 -0.72
CA GLU C 36 26.57 2.99 -0.61
C GLU C 36 26.35 4.46 -0.29
N VAL C 37 25.30 5.06 -0.85
CA VAL C 37 24.99 6.43 -0.52
C VAL C 37 24.73 6.49 1.00
N LEU C 38 23.96 5.54 1.48
CA LEU C 38 23.69 5.46 2.91
C LEU C 38 24.98 5.32 3.74
N PHE C 39 25.88 4.45 3.29
CA PHE C 39 27.18 4.30 3.96
CA PHE C 39 27.13 4.27 4.00
C PHE C 39 27.88 5.61 4.13
N TYR C 40 27.99 6.35 3.04
CA TYR C 40 28.76 7.61 3.06
C TYR C 40 28.05 8.66 3.91
N LEU C 41 26.70 8.65 3.89
CA LEU C 41 25.93 9.59 4.71
C LEU C 41 26.14 9.32 6.21
N GLY C 42 26.15 8.07 6.61
CA GLY C 42 26.52 7.62 7.93
C GLY C 42 27.89 8.15 8.34
N GLN C 43 28.81 8.09 7.43
CA GLN C 43 30.17 8.47 7.76
C GLN C 43 30.24 9.97 7.95
N TYR C 44 29.53 10.70 7.11
CA TYR C 44 29.39 12.15 7.23
C TYR C 44 28.76 12.53 8.55
N ILE C 45 27.71 11.81 8.93
CA ILE C 45 27.03 12.10 10.17
C ILE C 45 27.96 11.87 11.35
N MET C 46 28.72 10.80 11.29
CA MET C 46 29.57 10.49 12.42
C MET C 46 30.75 11.45 12.53
N THR C 47 31.38 11.76 11.41
CA THR C 47 32.55 12.58 11.46
C THR C 47 32.15 14.01 11.79
N LYS C 48 30.99 14.52 11.32
CA LYS C 48 30.50 15.85 11.76
C LYS C 48 29.81 15.83 13.12
N ARG C 49 29.71 14.66 13.69
CA ARG C 49 29.12 14.51 15.01
C ARG C 49 27.73 15.17 15.03
N LEU C 50 26.90 14.78 14.08
CA LEU C 50 25.52 15.31 13.99
C LEU C 50 24.60 14.53 14.90
N TYR C 51 24.99 13.33 15.27
CA TYR C 51 24.21 12.54 16.20
C TYR C 51 24.24 13.18 17.58
N ASP C 52 23.19 13.01 18.36
CA ASP C 52 23.18 13.58 19.71
C ASP C 52 24.02 12.65 20.59
N GLU C 53 25.03 13.21 21.26
CA GLU C 53 25.90 12.44 22.19
C GLU C 53 25.08 11.65 23.17
N LYS C 54 23.99 12.25 23.63
CA LYS C 54 23.11 11.65 24.63
C LYS C 54 22.03 10.71 24.06
N GLN C 55 21.60 10.94 22.82
CA GLN C 55 20.61 10.08 22.18
C GLN C 55 21.15 9.80 20.81
N GLN C 56 21.95 8.73 20.72
CA GLN C 56 22.88 8.59 19.60
C GLN C 56 22.22 8.12 18.31
N HIS C 57 21.02 7.59 18.44
CA HIS C 57 20.16 7.34 17.29
C HIS C 57 19.40 8.54 16.72
N ILE C 58 19.55 9.70 17.32
CA ILE C 58 18.88 10.88 16.79
C ILE C 58 19.91 11.77 16.13
N VAL C 59 19.66 12.13 14.87
CA VAL C 59 20.56 13.01 14.15
C VAL C 59 20.02 14.43 14.05
N TYR C 60 20.84 15.42 14.43
CA TYR C 60 20.42 16.78 14.33
C TYR C 60 21.11 17.37 13.12
N CYS C 61 20.36 17.49 12.05
CA CYS C 61 20.94 17.99 10.78
C CYS C 61 20.60 19.45 10.52
N SER C 62 19.81 20.08 11.42
CA SER C 62 19.52 21.49 11.23
C SER C 62 20.83 22.31 11.15
N ASN C 63 20.80 23.34 10.29
CA ASN C 63 21.92 24.26 10.13
C ASN C 63 23.13 23.60 9.53
N ASP C 64 22.92 22.44 8.95
CA ASP C 64 23.99 21.73 8.25
C ASP C 64 23.52 21.43 6.83
N LEU C 65 24.47 21.21 5.93
CA LEU C 65 24.10 20.80 4.56
C LEU C 65 23.12 19.64 4.55
N LEU C 66 23.25 18.72 5.48
CA LEU C 66 22.41 17.58 5.46
C LEU C 66 20.98 17.97 5.69
N GLY C 67 20.76 18.91 6.61
CA GLY C 67 19.44 19.43 6.90
C GLY C 67 18.83 20.15 5.72
N ASP C 68 19.64 20.91 5.00
CA ASP C 68 19.19 21.51 3.71
C ASP C 68 18.72 20.43 2.72
N LEU C 69 19.47 19.33 2.58
CA LEU C 69 19.08 18.21 1.68
C LEU C 69 17.85 17.46 2.09
N PHE C 70 17.76 17.13 3.36
CA PHE C 70 16.63 16.39 3.87
C PHE C 70 15.39 17.21 4.16
N GLY C 71 15.61 18.43 4.57
CA GLY C 71 14.54 19.42 4.81
C GLY C 71 13.88 19.25 6.17
N VAL C 72 14.56 18.65 7.12
CA VAL C 72 14.01 18.53 8.48
C VAL C 72 15.14 18.93 9.42
N PRO C 73 14.81 19.20 10.68
CA PRO C 73 15.82 19.59 11.66
C PRO C 73 16.52 18.41 12.28
N SER C 74 15.78 17.31 12.43
CA SER C 74 16.35 16.14 13.05
C SER C 74 15.58 14.93 12.58
N PHE C 75 16.13 13.74 12.73
CA PHE C 75 15.40 12.52 12.49
C PHE C 75 16.07 11.36 13.19
N SER C 76 15.39 10.23 13.18
CA SER C 76 15.88 9.11 13.84
C SER C 76 16.45 8.15 12.85
N VAL C 77 17.61 7.56 13.20
CA VAL C 77 18.25 6.63 12.31
C VAL C 77 17.54 5.30 12.27
N LYS C 78 16.62 5.09 13.16
CA LYS C 78 15.80 3.88 13.12
C LYS C 78 14.67 3.90 12.08
N GLU C 79 14.39 5.03 11.46
CA GLU C 79 13.20 5.17 10.57
C GLU C 79 13.68 5.17 9.14
N HIS C 80 13.96 3.96 8.64
CA HIS C 80 14.67 3.81 7.34
C HIS C 80 13.87 4.30 6.15
N ARG C 81 12.57 4.00 6.11
CA ARG C 81 11.72 4.49 5.04
C ARG C 81 11.71 6.01 4.94
N LYS C 82 11.62 6.69 6.07
CA LYS C 82 11.64 8.12 6.08
C LYS C 82 12.96 8.61 5.56
N ILE C 83 14.05 7.95 5.92
CA ILE C 83 15.36 8.41 5.42
C ILE C 83 15.51 8.26 3.91
N TYR C 84 15.02 7.13 3.39
CA TYR C 84 14.99 6.91 1.96
C TYR C 84 14.17 7.98 1.27
N THR C 85 13.04 8.27 1.81
CA THR C 85 12.17 9.35 1.33
C THR C 85 12.92 10.64 1.20
N MET C 86 13.72 10.97 2.21
CA MET C 86 14.41 12.27 2.22
C MET C 86 15.52 12.30 1.23
N ILE C 87 16.17 11.18 1.06
CA ILE C 87 17.22 11.07 0.19
C ILE C 87 16.77 11.10 -1.27
N TYR C 88 15.63 10.53 -1.63
CA TYR C 88 15.31 10.37 -3.03
C TYR C 88 15.18 11.68 -3.78
N ARG C 89 14.78 12.74 -3.12
CA ARG C 89 14.61 13.97 -3.85
C ARG C 89 15.96 14.63 -4.19
N ASN C 90 17.05 14.06 -3.69
CA ASN C 90 18.40 14.59 -3.97
C ASN C 90 19.17 13.75 -4.98
N LEU C 91 18.48 12.89 -5.70
CA LEU C 91 19.18 12.01 -6.62
C LEU C 91 18.32 11.66 -7.83
N VAL C 92 18.94 11.15 -8.88
CA VAL C 92 18.23 10.70 -10.11
C VAL C 92 18.54 9.21 -10.25
N VAL C 93 17.52 8.38 -10.43
CA VAL C 93 17.78 6.97 -10.56
C VAL C 93 18.34 6.77 -11.92
N VAL C 94 19.33 5.88 -12.04
CA VAL C 94 19.73 5.43 -13.37
C VAL C 94 19.10 4.05 -13.61
N ASN C 95 18.24 3.92 -14.65
CA ASN C 95 17.36 2.73 -14.88
C ASN C 95 18.02 1.64 -15.74
N MET D 1 -9.57 -27.11 28.59
CA MET D 1 -10.52 -26.81 29.72
C MET D 1 -11.58 -25.73 29.37
N GLN D 2 -11.23 -24.46 29.53
CA GLN D 2 -12.16 -23.36 29.32
C GLN D 2 -12.42 -23.13 27.81
N ILE D 3 -11.36 -23.12 27.01
CA ILE D 3 -11.46 -22.99 25.54
C ILE D 3 -11.09 -24.32 24.87
N PRO D 4 -11.93 -24.85 23.95
CA PRO D 4 -11.53 -26.12 23.32
C PRO D 4 -10.29 -25.97 22.44
N ALA D 5 -9.48 -27.01 22.38
CA ALA D 5 -8.15 -26.91 21.76
C ALA D 5 -8.24 -26.68 20.23
N SER D 6 -9.29 -27.23 19.64
CA SER D 6 -9.60 -26.94 18.24
C SER D 6 -9.73 -25.41 18.02
N GLU D 7 -10.46 -24.73 18.89
CA GLU D 7 -10.54 -23.29 18.78
C GLU D 7 -9.18 -22.61 18.99
N GLN D 8 -8.35 -23.19 19.86
CA GLN D 8 -7.05 -22.57 20.10
C GLN D 8 -6.24 -22.66 18.81
N GLU D 9 -6.52 -23.68 17.98
CA GLU D 9 -5.77 -23.79 16.75
C GLU D 9 -6.32 -22.92 15.59
N THR D 10 -7.48 -22.28 15.77
CA THR D 10 -8.04 -21.30 14.82
C THR D 10 -7.03 -20.36 14.21
N LEU D 11 -6.99 -20.37 12.89
CA LEU D 11 -6.04 -19.56 12.15
C LEU D 11 -6.58 -18.14 12.00
N VAL D 12 -5.77 -17.13 12.35
CA VAL D 12 -6.22 -15.73 12.42
C VAL D 12 -5.23 -14.70 11.90
N ARG D 13 -5.75 -13.56 11.46
CA ARG D 13 -4.94 -12.48 10.92
C ARG D 13 -5.16 -11.18 11.73
N PRO D 14 -4.22 -10.83 12.64
CA PRO D 14 -4.46 -9.69 13.50
C PRO D 14 -4.59 -8.46 12.68
N LYS D 15 -5.46 -7.52 13.11
CA LYS D 15 -5.56 -6.19 12.53
C LYS D 15 -4.28 -5.43 12.87
N PRO D 16 -4.03 -4.29 12.21
CA PRO D 16 -2.68 -3.66 12.32
C PRO D 16 -2.22 -3.38 13.73
N LEU D 17 -3.09 -2.84 14.57
CA LEU D 17 -2.66 -2.48 15.92
C LEU D 17 -2.22 -3.69 16.73
N LEU D 18 -3.00 -4.75 16.66
CA LEU D 18 -2.65 -5.95 17.35
C LEU D 18 -1.37 -6.54 16.83
N LEU D 19 -1.18 -6.48 15.53
CA LEU D 19 -0.03 -7.10 14.88
C LEU D 19 1.26 -6.38 15.32
N LYS D 20 1.19 -5.05 15.43
CA LYS D 20 2.33 -4.24 15.81
C LYS D 20 2.72 -4.60 17.25
N LEU D 21 1.72 -4.78 18.07
CA LEU D 21 2.01 -5.18 19.39
C LEU D 21 2.69 -6.56 19.43
N LEU D 22 2.29 -7.49 18.56
CA LEU D 22 2.88 -8.82 18.57
C LEU D 22 4.28 -8.68 18.03
N LYS D 23 4.47 -7.84 17.01
CA LYS D 23 5.79 -7.68 16.42
C LYS D 23 6.78 -7.05 17.43
N SER D 24 6.33 -6.11 18.25
CA SER D 24 7.16 -5.49 19.27
C SER D 24 7.68 -6.53 20.27
N VAL D 25 7.05 -7.71 20.32
CA VAL D 25 7.53 -8.77 21.16
C VAL D 25 8.15 -9.92 20.37
N GLY D 26 8.51 -9.70 19.11
CA GLY D 26 9.27 -10.69 18.37
C GLY D 26 8.49 -11.58 17.38
N ALA D 27 7.19 -11.33 17.20
CA ALA D 27 6.39 -12.09 16.28
C ALA D 27 6.80 -11.71 14.87
N GLN D 28 6.97 -12.72 13.99
CA GLN D 28 7.46 -12.48 12.65
C GLN D 28 6.36 -12.63 11.55
N LYS D 29 5.35 -13.46 11.80
CA LYS D 29 4.35 -13.83 10.79
C LYS D 29 3.22 -12.79 10.69
N ASP D 30 2.40 -12.83 9.63
CA ASP D 30 1.17 -12.00 9.54
C ASP D 30 -0.12 -12.83 9.90
N THR D 31 0.05 -14.16 10.04
CA THR D 31 -1.00 -15.11 10.37
C THR D 31 -0.56 -16.04 11.51
N TYR D 32 -1.49 -16.38 12.39
CA TYR D 32 -1.18 -17.09 13.63
C TYR D 32 -2.34 -17.93 14.02
N THR D 33 -2.08 -18.94 14.84
CA THR D 33 -3.14 -19.59 15.54
C THR D 33 -3.47 -18.74 16.72
N MET D 34 -4.61 -18.99 17.32
CA MET D 34 -4.97 -18.20 18.49
C MET D 34 -3.98 -18.50 19.63
N LYS D 35 -3.55 -19.75 19.76
CA LYS D 35 -2.52 -20.07 20.77
C LYS D 35 -1.30 -19.17 20.61
N GLU D 36 -0.81 -18.99 19.38
CA GLU D 36 0.40 -18.17 19.18
C GLU D 36 0.13 -16.75 19.60
N VAL D 37 -1.07 -16.26 19.33
CA VAL D 37 -1.38 -14.87 19.63
C VAL D 37 -1.31 -14.66 21.16
N LEU D 38 -1.99 -15.55 21.87
CA LEU D 38 -1.97 -15.60 23.29
C LEU D 38 -0.60 -15.71 23.95
N PHE D 39 0.28 -16.55 23.43
CA PHE D 39 1.64 -16.66 23.93
C PHE D 39 2.31 -15.29 23.82
N TYR D 40 2.24 -14.69 22.63
CA TYR D 40 2.90 -13.44 22.41
C TYR D 40 2.26 -12.34 23.29
N LEU D 41 0.96 -12.39 23.51
CA LEU D 41 0.36 -11.39 24.35
C LEU D 41 0.87 -11.60 25.80
N GLY D 42 1.02 -12.85 26.23
CA GLY D 42 1.57 -13.14 27.59
C GLY D 42 2.95 -12.53 27.72
N GLN D 43 3.75 -12.68 26.68
CA GLN D 43 5.05 -12.10 26.68
C GLN D 43 5.06 -10.60 26.83
N TYR D 44 4.23 -9.92 26.07
CA TYR D 44 4.07 -8.48 26.14
C TYR D 44 3.63 -8.00 27.53
N ILE D 45 2.61 -8.65 28.08
CA ILE D 45 2.14 -8.33 29.39
C ILE D 45 3.23 -8.52 30.43
N MET D 46 3.95 -9.63 30.34
CA MET D 46 4.97 -9.81 31.31
C MET D 46 6.13 -8.83 31.16
N THR D 47 6.62 -8.59 29.94
CA THR D 47 7.77 -7.72 29.78
C THR D 47 7.42 -6.27 30.13
N LYS D 48 6.19 -5.86 29.88
CA LYS D 48 5.76 -4.52 30.29
C LYS D 48 5.22 -4.46 31.69
N ARG D 49 5.26 -5.59 32.39
CA ARG D 49 4.92 -5.62 33.82
C ARG D 49 3.51 -5.06 34.01
N LEU D 50 2.59 -5.47 33.12
CA LEU D 50 1.19 -4.98 33.20
C LEU D 50 0.40 -5.70 34.27
N TYR D 51 0.86 -6.89 34.62
CA TYR D 51 0.24 -7.65 35.73
C TYR D 51 0.40 -6.84 37.02
N ASP D 52 -0.51 -7.02 37.97
CA ASP D 52 -0.35 -6.32 39.21
C ASP D 52 0.63 -7.16 40.10
N GLU D 53 1.73 -6.55 40.55
CA GLU D 53 2.68 -7.13 41.50
C GLU D 53 2.03 -7.91 42.68
N LYS D 54 1.01 -7.35 43.29
CA LYS D 54 0.30 -7.99 44.41
C LYS D 54 -0.71 -9.04 43.98
N GLN D 55 -1.43 -8.78 42.89
CA GLN D 55 -2.45 -9.72 42.41
C GLN D 55 -2.11 -10.04 40.95
N GLN D 56 -1.29 -11.06 40.78
CA GLN D 56 -0.57 -11.23 39.53
C GLN D 56 -1.46 -11.82 38.44
N HIS D 57 -2.65 -12.28 38.79
CA HIS D 57 -3.62 -12.68 37.79
C HIS D 57 -4.49 -11.54 37.24
N ILE D 58 -4.28 -10.33 37.74
CA ILE D 58 -4.98 -9.17 37.25
C ILE D 58 -4.04 -8.39 36.39
N VAL D 59 -4.48 -8.14 35.18
CA VAL D 59 -3.67 -7.34 34.25
C VAL D 59 -4.28 -5.94 34.15
N TYR D 60 -3.45 -4.89 34.35
CA TYR D 60 -3.88 -3.50 34.22
C TYR D 60 -3.35 -3.01 32.90
N CYS D 61 -4.25 -2.97 31.92
CA CYS D 61 -3.90 -2.56 30.56
C CYS D 61 -4.30 -1.14 30.23
N SER D 62 -5.00 -0.47 31.15
CA SER D 62 -5.34 0.94 31.00
C SER D 62 -4.12 1.73 30.62
N ASN D 63 -4.30 2.71 29.76
CA ASN D 63 -3.25 3.63 29.32
C ASN D 63 -2.11 2.92 28.61
N ASP D 64 -2.35 1.71 28.17
CA ASP D 64 -1.37 0.96 27.39
C ASP D 64 -2.03 0.61 26.06
N LEU D 65 -1.23 0.45 25.01
CA LEU D 65 -1.72 -0.07 23.69
C LEU D 65 -2.71 -1.21 23.88
N LEU D 66 -2.40 -2.13 24.77
CA LEU D 66 -3.26 -3.29 25.05
C LEU D 66 -4.62 -2.93 25.52
N GLY D 67 -4.72 -1.90 26.36
CA GLY D 67 -6.02 -1.47 26.82
C GLY D 67 -6.81 -0.80 25.71
N ASP D 68 -6.12 -0.07 24.82
CA ASP D 68 -6.80 0.50 23.66
C ASP D 68 -7.45 -0.63 22.86
N LEU D 69 -6.79 -1.79 22.74
CA LEU D 69 -7.33 -2.88 21.91
C LEU D 69 -8.42 -3.62 22.61
N PHE D 70 -8.22 -3.84 23.89
CA PHE D 70 -9.16 -4.64 24.63
C PHE D 70 -10.35 -3.83 25.05
N GLY D 71 -10.16 -2.53 25.23
CA GLY D 71 -11.24 -1.59 25.62
C GLY D 71 -11.70 -1.80 27.07
N VAL D 72 -10.83 -2.29 27.93
CA VAL D 72 -11.16 -2.39 29.36
C VAL D 72 -9.93 -1.85 30.09
N PRO D 73 -10.10 -1.31 31.29
CA PRO D 73 -8.93 -0.80 32.09
C PRO D 73 -8.09 -1.96 32.78
N SER D 74 -8.75 -3.08 33.07
CA SER D 74 -8.14 -4.25 33.65
C SER D 74 -8.92 -5.52 33.35
N PHE D 75 -8.29 -6.68 33.51
CA PHE D 75 -8.98 -7.97 33.37
C PHE D 75 -8.23 -9.08 34.08
N SER D 76 -8.92 -10.16 34.37
CA SER D 76 -8.37 -11.31 34.99
C SER D 76 -7.91 -12.32 33.93
N VAL D 77 -6.69 -12.82 34.13
CA VAL D 77 -6.18 -13.79 33.23
C VAL D 77 -6.87 -15.12 33.41
N LYS D 78 -7.69 -15.26 34.44
CA LYS D 78 -8.46 -16.48 34.61
C LYS D 78 -9.74 -16.60 33.76
N GLU D 79 -10.19 -15.53 33.11
CA GLU D 79 -11.44 -15.55 32.33
C GLU D 79 -11.06 -15.64 30.84
N HIS D 80 -10.84 -16.87 30.40
CA HIS D 80 -10.31 -17.14 29.05
C HIS D 80 -11.24 -16.71 27.93
N ARG D 81 -12.53 -17.06 28.06
CA ARG D 81 -13.52 -16.66 27.07
C ARG D 81 -13.58 -15.14 26.89
N LYS D 82 -13.66 -14.38 27.99
CA LYS D 82 -13.62 -12.92 27.82
C LYS D 82 -12.39 -12.46 27.07
N ILE D 83 -11.28 -13.11 27.33
CA ILE D 83 -10.05 -12.64 26.71
C ILE D 83 -10.05 -12.96 25.23
N TYR D 84 -10.47 -14.16 24.92
CA TYR D 84 -10.60 -14.54 23.52
C TYR D 84 -11.49 -13.54 22.78
N THR D 85 -12.59 -13.18 23.39
CA THR D 85 -13.47 -12.22 22.76
C THR D 85 -12.83 -10.88 22.54
N MET D 86 -12.10 -10.39 23.52
CA MET D 86 -11.46 -9.13 23.34
C MET D 86 -10.43 -9.19 22.24
N ILE D 87 -9.75 -10.32 22.11
CA ILE D 87 -8.80 -10.53 20.99
C ILE D 87 -9.48 -10.69 19.64
N TYR D 88 -10.56 -11.48 19.60
CA TYR D 88 -11.33 -11.65 18.35
C TYR D 88 -11.71 -10.32 17.74
N ARG D 89 -12.03 -9.32 18.57
CA ARG D 89 -12.41 -8.03 18.07
C ARG D 89 -11.26 -7.36 17.35
N ASN D 90 -10.05 -7.92 17.43
CA ASN D 90 -8.90 -7.22 16.84
C ASN D 90 -8.30 -8.04 15.73
N LEU D 91 -9.10 -8.91 15.15
CA LEU D 91 -8.60 -9.68 14.05
C LEU D 91 -9.65 -10.22 13.09
N VAL D 92 -9.16 -10.86 12.03
CA VAL D 92 -10.03 -11.56 11.04
C VAL D 92 -9.71 -13.04 11.18
N VAL D 93 -10.72 -13.90 11.19
CA VAL D 93 -10.42 -15.32 11.09
C VAL D 93 -10.29 -15.67 9.63
N VAL D 94 -9.34 -16.55 9.34
CA VAL D 94 -8.94 -16.88 7.97
C VAL D 94 -9.62 -18.18 7.46
N ASN D 95 -10.02 -18.19 6.18
CA ASN D 95 -10.83 -19.26 5.48
C ASN D 95 -10.28 -20.68 5.55
#